data_5SRS
#
_entry.id   5SRS
#
_cell.length_a   88.723
_cell.length_b   88.723
_cell.length_c   39.604
_cell.angle_alpha   90.000
_cell.angle_beta   90.000
_cell.angle_gamma   90.000
#
_symmetry.space_group_name_H-M   'P 43'
#
loop_
_entity.id
_entity.type
_entity.pdbx_description
1 polymer 'Non-structural protein 3'
2 non-polymer 3-[(3S)-1-(7-fluoro-9H-pyrimido[4,5-b]indol-4-yl)pyrrolidin-3-yl]-1,3-oxazolidin-2-one
3 non-polymer 3-[(3R)-1-(7-fluoro-9H-pyrimido[4,5-b]indol-4-yl)pyrrolidin-3-yl]-1,3-oxazolidin-2-one
4 water water
#
_entity_poly.entity_id   1
_entity_poly.type   'polypeptide(L)'
_entity_poly.pdbx_seq_one_letter_code
;SMVNSFSGYLKLTDNVYIKNADIVEEAKKVKPTVVVNAANVYLKHGGGVAGALNKATNNAMQVESDDYIATNGPLKVGGS
CVLSGHNLAKHCLHVVGPNVNKGEDIQLLKSAYENFNQHEVLLAPLLSAGIFGADPIHSLRVCVDTVRTNVYLAVFDKNL
YDKLVSSFL
;
_entity_poly.pdbx_strand_id   A,B
#
# COMPACT_ATOMS: atom_id res chain seq x y z
N VAL A 3 -22.85 8.36 -7.03
CA VAL A 3 -23.79 7.31 -6.62
C VAL A 3 -23.24 5.94 -7.05
N ASN A 4 -23.30 4.95 -6.16
CA ASN A 4 -22.93 3.58 -6.48
C ASN A 4 -24.04 2.62 -6.04
N SER A 5 -23.78 1.32 -6.30
N SER A 5 -23.87 1.34 -6.33
CA SER A 5 -24.80 0.28 -6.18
CA SER A 5 -24.91 0.31 -6.17
C SER A 5 -24.84 -0.40 -4.83
C SER A 5 -24.84 -0.41 -4.84
N PHE A 6 -23.94 -0.05 -3.93
CA PHE A 6 -23.92 -0.68 -2.62
C PHE A 6 -25.18 -0.29 -1.82
N SER A 7 -25.85 -1.28 -1.22
CA SER A 7 -27.17 -1.08 -0.62
C SER A 7 -27.21 -1.60 0.81
N GLY A 8 -27.92 -0.88 1.70
CA GLY A 8 -28.13 -1.38 3.05
C GLY A 8 -26.97 -1.16 4.00
N TYR A 9 -25.99 -0.33 3.61
CA TYR A 9 -24.84 -0.08 4.47
C TYR A 9 -25.12 1.02 5.50
N LEU A 10 -24.58 0.88 6.72
N LEU A 10 -24.44 0.87 6.64
CA LEU A 10 -24.56 1.95 7.69
CA LEU A 10 -24.49 1.84 7.72
C LEU A 10 -23.31 2.78 7.42
C LEU A 10 -23.26 2.77 7.63
N LYS A 11 -23.48 4.07 7.43
CA LYS A 11 -22.39 5.02 7.20
C LYS A 11 -21.66 5.28 8.52
N LEU A 12 -20.36 4.98 8.60
CA LEU A 12 -19.60 5.24 9.82
C LEU A 12 -18.91 6.58 9.78
N THR A 13 -18.34 6.93 8.63
CA THR A 13 -17.61 8.17 8.44
C THR A 13 -17.87 8.69 7.03
N ASP A 14 -17.17 9.76 6.67
CA ASP A 14 -17.27 10.30 5.33
C ASP A 14 -17.07 9.23 4.28
N ASN A 15 -16.16 8.27 4.52
CA ASN A 15 -15.73 7.34 3.47
C ASN A 15 -15.87 5.87 3.81
N VAL A 16 -16.28 5.51 5.03
CA VAL A 16 -16.34 4.12 5.47
C VAL A 16 -17.79 3.75 5.78
N TYR A 17 -18.21 2.62 5.22
CA TYR A 17 -19.55 2.07 5.33
C TYR A 17 -19.44 0.62 5.78
N ILE A 18 -20.47 0.11 6.46
CA ILE A 18 -20.43 -1.23 7.01
C ILE A 18 -21.80 -1.92 6.92
N LYS A 19 -21.76 -3.24 6.76
N LYS A 19 -21.77 -3.23 6.63
CA LYS A 19 -22.98 -4.03 6.60
CA LYS A 19 -23.02 -3.97 6.46
C LYS A 19 -22.74 -5.44 7.12
C LYS A 19 -22.84 -5.41 6.94
N ASN A 20 -23.76 -6.03 7.73
N ASN A 20 -23.88 -5.96 7.58
CA ASN A 20 -23.75 -7.45 8.06
CA ASN A 20 -23.86 -7.39 7.96
C ASN A 20 -24.05 -8.20 6.78
C ASN A 20 -24.12 -8.22 6.71
N ALA A 21 -23.03 -8.79 6.17
N ALA A 21 -23.05 -8.73 6.09
CA ALA A 21 -23.23 -9.46 4.89
CA ALA A 21 -23.22 -9.50 4.86
C ALA A 21 -22.11 -10.47 4.67
C ALA A 21 -21.99 -10.35 4.61
N ASP A 22 -22.44 -11.47 3.84
N ASP A 22 -22.19 -11.50 3.94
CA ASP A 22 -21.47 -12.43 3.33
CA ASP A 22 -21.08 -12.35 3.51
C ASP A 22 -20.78 -11.79 2.13
C ASP A 22 -20.45 -11.72 2.29
N ILE A 23 -19.47 -11.54 2.24
N ILE A 23 -19.12 -11.52 2.31
CA ILE A 23 -18.75 -10.82 1.19
CA ILE A 23 -18.48 -10.77 1.21
C ILE A 23 -18.86 -11.54 -0.15
C ILE A 23 -18.64 -11.50 -0.13
N VAL A 24 -18.98 -12.87 -0.14
N VAL A 24 -18.67 -12.84 -0.10
CA VAL A 24 -19.17 -13.62 -1.38
CA VAL A 24 -18.88 -13.63 -1.32
C VAL A 24 -20.48 -13.24 -2.04
C VAL A 24 -20.21 -13.25 -1.97
N GLU A 25 -21.57 -13.25 -1.26
N GLU A 25 -21.28 -13.20 -1.16
CA GLU A 25 -22.88 -12.92 -1.80
CA GLU A 25 -22.61 -12.88 -1.67
C GLU A 25 -22.94 -11.45 -2.20
C GLU A 25 -22.71 -11.42 -2.10
N GLU A 26 -22.31 -10.59 -1.43
N GLU A 26 -22.15 -10.51 -1.31
CA GLU A 26 -22.29 -9.17 -1.77
CA GLU A 26 -22.16 -9.09 -1.68
C GLU A 26 -21.52 -8.93 -3.08
C GLU A 26 -21.48 -8.88 -3.02
N ALA A 27 -20.37 -9.59 -3.25
CA ALA A 27 -19.62 -9.44 -4.49
C ALA A 27 -20.42 -9.95 -5.68
N LYS A 28 -21.06 -11.11 -5.53
CA LYS A 28 -21.88 -11.67 -6.61
C LYS A 28 -22.98 -10.70 -7.05
N LYS A 29 -23.55 -9.95 -6.12
N LYS A 29 -23.57 -9.98 -6.09
CA LYS A 29 -24.67 -9.07 -6.44
CA LYS A 29 -24.69 -9.08 -6.38
C LYS A 29 -24.23 -7.72 -6.98
C LYS A 29 -24.22 -7.76 -6.99
N VAL A 30 -23.19 -7.15 -6.40
CA VAL A 30 -22.73 -5.83 -6.81
C VAL A 30 -21.77 -5.88 -8.01
N LYS A 31 -20.93 -6.92 -8.09
CA LYS A 31 -19.87 -7.00 -9.09
C LYS A 31 -19.01 -5.74 -8.99
N PRO A 32 -18.45 -5.48 -7.81
CA PRO A 32 -17.67 -4.25 -7.62
C PRO A 32 -16.43 -4.26 -8.49
N THR A 33 -15.89 -3.06 -8.72
CA THR A 33 -14.61 -2.93 -9.41
C THR A 33 -13.52 -3.68 -8.65
N VAL A 34 -13.52 -3.59 -7.32
CA VAL A 34 -12.50 -4.23 -6.49
C VAL A 34 -13.17 -4.93 -5.31
N VAL A 35 -12.89 -6.23 -5.16
CA VAL A 35 -13.13 -6.95 -3.92
C VAL A 35 -11.78 -7.25 -3.27
N VAL A 36 -11.70 -7.03 -1.97
CA VAL A 36 -10.48 -7.32 -1.22
C VAL A 36 -10.55 -8.74 -0.66
N ASN A 37 -9.47 -9.48 -0.85
CA ASN A 37 -9.28 -10.77 -0.20
C ASN A 37 -8.36 -10.64 1.00
N ALA A 38 -8.71 -11.35 2.07
CA ALA A 38 -7.90 -11.52 3.26
C ALA A 38 -6.87 -12.62 2.99
N ALA A 39 -5.81 -12.24 2.28
CA ALA A 39 -4.82 -13.17 1.76
C ALA A 39 -3.71 -13.44 2.77
N ASN A 40 -2.97 -14.52 2.52
CA ASN A 40 -1.68 -14.75 3.15
C ASN A 40 -0.57 -14.60 2.11
N VAL A 41 0.69 -14.61 2.56
CA VAL A 41 1.80 -14.28 1.67
C VAL A 41 1.97 -15.28 0.55
N TYR A 42 1.48 -16.51 0.73
CA TYR A 42 1.60 -17.55 -0.28
C TYR A 42 0.39 -17.62 -1.20
N LEU A 43 -0.59 -16.74 -0.97
CA LEU A 43 -1.87 -16.79 -1.69
C LEU A 43 -2.47 -18.19 -1.69
N LYS A 44 -2.39 -18.86 -0.54
N LYS A 44 -2.39 -18.86 -0.53
CA LYS A 44 -3.03 -20.15 -0.34
CA LYS A 44 -2.99 -20.18 -0.32
C LYS A 44 -4.38 -19.90 0.31
C LYS A 44 -4.37 -19.99 0.31
N HIS A 45 -5.43 -20.01 -0.49
N HIS A 45 -5.41 -19.97 -0.53
CA HIS A 45 -6.76 -19.55 -0.09
CA HIS A 45 -6.79 -19.70 -0.08
C HIS A 45 -7.55 -20.71 0.52
C HIS A 45 -7.43 -21.03 0.34
N GLY A 46 -7.15 -21.10 1.73
N GLY A 46 -7.19 -21.43 1.60
CA GLY A 46 -7.66 -22.31 2.31
CA GLY A 46 -7.75 -22.67 2.12
C GLY A 46 -8.93 -22.17 3.14
C GLY A 46 -8.97 -22.44 3.01
N GLY A 47 -9.08 -21.04 3.81
N GLY A 47 -8.97 -21.36 3.79
CA GLY A 47 -10.16 -20.88 4.77
CA GLY A 47 -10.06 -21.08 4.70
C GLY A 47 -10.43 -19.40 5.01
C GLY A 47 -10.27 -19.58 4.88
N GLY A 48 -11.35 -19.15 5.94
N GLY A 48 -11.28 -19.23 5.70
CA GLY A 48 -11.77 -17.79 6.19
CA GLY A 48 -11.59 -17.82 5.94
C GLY A 48 -12.34 -17.17 4.94
C GLY A 48 -12.11 -17.11 4.69
N VAL A 49 -12.18 -15.84 4.84
N VAL A 49 -11.92 -15.79 4.64
CA VAL A 49 -12.65 -15.11 3.67
CA VAL A 49 -12.35 -15.01 3.47
C VAL A 49 -12.02 -15.66 2.39
C VAL A 49 -11.75 -15.61 2.20
N ALA A 50 -10.70 -15.92 2.43
N ALA A 50 -10.43 -15.84 2.23
CA ALA A 50 -10.01 -16.35 1.20
CA ALA A 50 -9.74 -16.40 1.07
C ALA A 50 -10.56 -17.67 0.69
C ALA A 50 -10.39 -17.73 0.62
N GLY A 51 -10.66 -18.64 1.57
CA GLY A 51 -11.25 -19.92 1.18
C GLY A 51 -12.63 -19.79 0.60
N ALA A 52 -13.45 -18.91 1.17
CA ALA A 52 -14.80 -18.69 0.67
C ALA A 52 -14.80 -18.01 -0.71
N LEU A 53 -13.99 -16.96 -0.87
CA LEU A 53 -13.90 -16.31 -2.18
C LEU A 53 -13.40 -17.29 -3.22
N ASN A 54 -12.36 -18.04 -2.90
CA ASN A 54 -11.79 -18.97 -3.87
C ASN A 54 -12.81 -20.05 -4.26
N LYS A 55 -13.54 -20.59 -3.28
CA LYS A 55 -14.55 -21.58 -3.56
C LYS A 55 -15.60 -21.03 -4.52
N ALA A 56 -15.99 -19.78 -4.34
CA ALA A 56 -16.99 -19.16 -5.20
C ALA A 56 -16.50 -19.00 -6.64
N THR A 57 -15.17 -18.94 -6.86
CA THR A 57 -14.58 -18.92 -8.20
C THR A 57 -14.32 -20.29 -8.77
N ASN A 58 -14.77 -21.36 -8.08
CA ASN A 58 -14.54 -22.73 -8.57
C ASN A 58 -13.05 -23.03 -8.66
N ASN A 59 -12.25 -22.44 -7.74
CA ASN A 59 -10.80 -22.63 -7.63
C ASN A 59 -10.01 -21.86 -8.69
N ALA A 60 -10.65 -21.06 -9.54
CA ALA A 60 -9.90 -20.28 -10.52
C ALA A 60 -8.99 -19.26 -9.84
N MET A 61 -9.43 -18.68 -8.73
CA MET A 61 -8.59 -17.77 -7.97
C MET A 61 -7.30 -18.46 -7.54
N GLN A 62 -7.39 -19.69 -7.04
CA GLN A 62 -6.20 -20.42 -6.60
C GLN A 62 -5.26 -20.71 -7.76
N VAL A 63 -5.82 -21.13 -8.91
CA VAL A 63 -4.99 -21.43 -10.08
C VAL A 63 -4.22 -20.20 -10.51
N GLU A 64 -4.90 -19.05 -10.60
CA GLU A 64 -4.25 -17.81 -10.96
C GLU A 64 -3.18 -17.42 -9.94
N SER A 65 -3.51 -17.61 -8.65
CA SER A 65 -2.60 -17.24 -7.57
C SER A 65 -1.34 -18.09 -7.60
N ASP A 66 -1.48 -19.39 -7.88
CA ASP A 66 -0.31 -20.26 -7.92
C ASP A 66 0.66 -19.82 -9.03
N ASP A 67 0.12 -19.41 -10.18
CA ASP A 67 0.98 -18.88 -11.23
C ASP A 67 1.65 -17.58 -10.79
N TYR A 68 0.89 -16.70 -10.10
CA TYR A 68 1.48 -15.45 -9.61
C TYR A 68 2.67 -15.73 -8.68
N ILE A 69 2.50 -16.65 -7.74
CA ILE A 69 3.58 -16.95 -6.78
C ILE A 69 4.75 -17.60 -7.48
N ALA A 70 4.49 -18.50 -8.42
CA ALA A 70 5.60 -19.14 -9.13
C ALA A 70 6.45 -18.12 -9.87
N THR A 71 5.83 -17.04 -10.36
CA THR A 71 6.57 -16.00 -11.08
C THR A 71 7.23 -15.01 -10.14
N ASN A 72 6.52 -14.57 -9.10
CA ASN A 72 6.91 -13.41 -8.31
C ASN A 72 7.38 -13.71 -6.90
N GLY A 73 7.14 -14.93 -6.40
CA GLY A 73 7.42 -15.23 -5.01
C GLY A 73 6.36 -14.65 -4.09
N PRO A 74 6.51 -14.92 -2.80
CA PRO A 74 5.49 -14.51 -1.82
C PRO A 74 5.36 -13.00 -1.70
N LEU A 75 4.17 -12.59 -1.28
CA LEU A 75 3.94 -11.21 -0.86
C LEU A 75 4.64 -10.95 0.47
N LYS A 76 4.69 -9.67 0.83
CA LYS A 76 5.08 -9.22 2.17
C LYS A 76 3.85 -9.14 3.07
N VAL A 77 4.03 -9.44 4.36
CA VAL A 77 2.99 -9.07 5.33
C VAL A 77 2.83 -7.55 5.31
N GLY A 78 1.59 -7.08 5.12
CA GLY A 78 1.30 -5.69 4.90
C GLY A 78 1.20 -5.31 3.43
N GLY A 79 1.55 -6.23 2.52
CA GLY A 79 1.55 -5.95 1.11
C GLY A 79 0.31 -6.49 0.42
N SER A 80 0.31 -6.34 -0.91
CA SER A 80 -0.85 -6.69 -1.72
C SER A 80 -0.44 -6.95 -3.16
N CYS A 81 -1.36 -7.57 -3.89
CA CYS A 81 -1.27 -7.62 -5.34
C CYS A 81 -2.67 -7.57 -5.92
N VAL A 82 -2.78 -7.08 -7.15
CA VAL A 82 -4.03 -7.03 -7.89
C VAL A 82 -4.07 -8.19 -8.86
N LEU A 83 -5.09 -9.02 -8.74
CA LEU A 83 -5.33 -10.12 -9.67
C LEU A 83 -6.77 -10.02 -10.17
N SER A 84 -7.19 -10.99 -10.96
CA SER A 84 -8.55 -10.99 -11.48
C SER A 84 -9.57 -11.13 -10.35
N GLY A 85 -10.73 -10.52 -10.55
CA GLY A 85 -11.87 -10.77 -9.68
C GLY A 85 -12.74 -11.92 -10.13
N HIS A 86 -12.40 -12.57 -11.22
CA HIS A 86 -13.13 -13.74 -11.72
C HIS A 86 -14.60 -13.39 -11.85
N ASN A 87 -15.50 -14.22 -11.36
CA ASN A 87 -16.92 -14.01 -11.41
C ASN A 87 -17.44 -13.13 -10.29
N LEU A 88 -16.57 -12.58 -9.45
CA LEU A 88 -17.01 -11.84 -8.28
C LEU A 88 -16.88 -10.33 -8.41
N ALA A 89 -15.95 -9.85 -9.24
CA ALA A 89 -15.57 -8.45 -9.27
C ALA A 89 -14.68 -8.28 -10.51
N LYS A 90 -14.44 -7.04 -10.90
CA LYS A 90 -13.45 -6.83 -11.96
C LYS A 90 -12.07 -7.29 -11.52
N HIS A 91 -11.65 -6.84 -10.33
CA HIS A 91 -10.35 -7.13 -9.77
C HIS A 91 -10.50 -7.64 -8.35
N CYS A 92 -9.54 -8.45 -7.94
CA CYS A 92 -9.37 -8.81 -6.53
C CYS A 92 -8.05 -8.24 -6.04
N LEU A 93 -8.13 -7.40 -5.01
CA LEU A 93 -6.96 -6.90 -4.31
C LEU A 93 -6.67 -7.86 -3.15
N HIS A 94 -5.63 -8.67 -3.31
CA HIS A 94 -5.22 -9.61 -2.27
C HIS A 94 -4.34 -8.84 -1.30
N VAL A 95 -4.81 -8.67 -0.06
CA VAL A 95 -4.09 -7.88 0.94
C VAL A 95 -3.73 -8.79 2.10
N VAL A 96 -2.47 -8.74 2.53
CA VAL A 96 -1.98 -9.57 3.63
C VAL A 96 -1.93 -8.74 4.90
N GLY A 97 -2.91 -8.93 5.78
CA GLY A 97 -2.82 -8.41 7.13
C GLY A 97 -1.98 -9.34 7.98
N PRO A 98 -1.44 -8.84 9.08
CA PRO A 98 -0.69 -9.71 10.00
C PRO A 98 -1.62 -10.76 10.61
N ASN A 99 -1.09 -11.98 10.73
CA ASN A 99 -1.80 -13.08 11.37
C ASN A 99 -1.25 -13.25 12.78
N VAL A 100 -2.05 -12.86 13.76
CA VAL A 100 -1.67 -12.96 15.17
C VAL A 100 -1.38 -14.42 15.55
N ASN A 101 -2.10 -15.37 14.95
CA ASN A 101 -1.85 -16.80 15.24
C ASN A 101 -0.52 -17.31 14.65
N LYS A 102 0.21 -16.46 13.90
CA LYS A 102 1.60 -16.72 13.49
C LYS A 102 2.60 -15.78 14.17
N GLY A 103 2.15 -14.93 15.10
CA GLY A 103 3.02 -13.97 15.79
C GLY A 103 3.48 -12.73 15.03
N GLU A 104 2.76 -12.31 14.00
CA GLU A 104 3.14 -11.15 13.19
C GLU A 104 2.73 -9.83 13.87
N ASP A 105 3.49 -8.77 13.59
CA ASP A 105 3.40 -7.50 14.29
C ASP A 105 2.11 -6.78 13.88
N ILE A 106 1.24 -6.49 14.85
CA ILE A 106 -0.06 -5.90 14.57
C ILE A 106 0.08 -4.49 13.99
N GLN A 107 1.22 -3.81 14.21
CA GLN A 107 1.48 -2.51 13.60
C GLN A 107 1.42 -2.63 12.09
N LEU A 108 1.64 -3.83 11.55
CA LEU A 108 1.60 -4.00 10.10
C LEU A 108 0.18 -3.89 9.58
N LEU A 109 -0.82 -3.86 10.47
CA LEU A 109 -2.20 -3.72 10.02
C LEU A 109 -2.42 -2.39 9.31
N LYS A 110 -1.79 -1.31 9.79
CA LYS A 110 -1.94 -0.02 9.12
C LYS A 110 -1.35 -0.08 7.71
N SER A 111 -0.16 -0.65 7.56
CA SER A 111 0.44 -0.81 6.23
C SER A 111 -0.49 -1.60 5.31
N ALA A 112 -1.13 -2.65 5.83
CA ALA A 112 -2.04 -3.46 5.03
C ALA A 112 -3.20 -2.60 4.52
N TYR A 113 -3.81 -1.81 5.40
CA TYR A 113 -4.93 -0.97 4.98
C TYR A 113 -4.50 0.13 4.00
N GLU A 114 -3.24 0.58 4.05
CA GLU A 114 -2.80 1.61 3.11
C GLU A 114 -2.96 1.16 1.66
N ASN A 115 -2.92 -0.16 1.40
CA ASN A 115 -3.12 -0.63 0.04
C ASN A 115 -4.48 -0.23 -0.51
N PHE A 116 -5.48 -0.08 0.36
CA PHE A 116 -6.82 0.28 -0.11
C PHE A 116 -6.83 1.67 -0.76
N ASN A 117 -5.90 2.55 -0.38
CA ASN A 117 -5.90 3.92 -0.88
C ASN A 117 -5.55 4.02 -2.37
N GLN A 118 -5.07 2.92 -2.96
CA GLN A 118 -4.78 2.89 -4.38
C GLN A 118 -6.02 2.62 -5.23
N HIS A 119 -7.20 2.49 -4.60
CA HIS A 119 -8.45 2.16 -5.29
C HIS A 119 -9.55 3.07 -4.79
N GLU A 120 -10.29 3.67 -5.71
CA GLU A 120 -11.27 4.69 -5.32
C GLU A 120 -12.42 4.13 -4.52
N VAL A 121 -12.85 2.90 -4.83
CA VAL A 121 -13.98 2.23 -4.18
C VAL A 121 -13.65 0.75 -4.04
N LEU A 122 -13.93 0.17 -2.86
CA LEU A 122 -13.64 -1.24 -2.61
C LEU A 122 -14.73 -1.85 -1.74
N LEU A 123 -14.97 -3.15 -1.97
CA LEU A 123 -15.73 -4.01 -1.08
C LEU A 123 -14.71 -4.83 -0.30
N ALA A 124 -14.78 -4.82 1.03
CA ALA A 124 -13.68 -5.44 1.77
C ALA A 124 -14.16 -6.09 3.07
N PRO A 125 -13.40 -7.07 3.57
N PRO A 125 -13.43 -7.02 3.59
CA PRO A 125 -13.55 -7.54 4.94
CA PRO A 125 -13.75 -7.58 4.91
C PRO A 125 -12.65 -6.73 5.86
C PRO A 125 -12.88 -6.90 5.94
N LEU A 126 -12.86 -6.88 7.16
N LEU A 126 -13.02 -7.25 7.21
CA LEU A 126 -11.94 -6.34 8.13
CA LEU A 126 -12.11 -6.74 8.24
C LEU A 126 -10.64 -7.13 8.14
C LEU A 126 -10.78 -7.49 8.15
N LEU A 127 -9.54 -6.45 7.83
N LEU A 127 -9.68 -6.77 7.97
CA LEU A 127 -8.25 -7.10 7.75
CA LEU A 127 -8.38 -7.41 7.81
C LEU A 127 -7.82 -7.63 9.12
C LEU A 127 -7.84 -7.87 9.17
N SER A 128 -7.19 -8.79 9.10
N SER A 128 -7.26 -9.07 9.20
CA SER A 128 -6.65 -9.47 10.26
CA SER A 128 -6.64 -9.72 10.35
C SER A 128 -7.72 -9.98 11.22
C SER A 128 -7.63 -10.19 11.41
N ALA A 129 -9.00 -9.83 10.89
N ALA A 129 -8.94 -10.19 11.11
CA ALA A 129 -10.07 -10.37 11.71
CA ALA A 129 -9.96 -10.70 12.03
C ALA A 129 -10.25 -11.87 11.45
C ALA A 129 -10.27 -12.16 11.72
N GLY A 130 -11.27 -12.45 12.08
N GLY A 130 -11.20 -12.76 12.48
CA GLY A 130 -11.55 -13.86 11.86
CA GLY A 130 -11.50 -14.18 12.27
C GLY A 130 -10.35 -14.71 12.24
C GLY A 130 -10.24 -15.00 12.57
N ILE A 131 -10.02 -15.67 11.36
N ILE A 131 -9.87 -15.88 11.64
CA ILE A 131 -8.96 -16.63 11.66
CA ILE A 131 -8.76 -16.82 11.84
C ILE A 131 -7.57 -16.00 11.68
C ILE A 131 -7.39 -16.16 11.89
N PHE A 132 -7.42 -14.73 11.30
N PHE A 132 -7.27 -14.87 11.50
CA PHE A 132 -6.15 -14.04 11.46
CA PHE A 132 -5.99 -14.16 11.59
C PHE A 132 -5.91 -13.56 12.88
C PHE A 132 -5.72 -13.61 13.00
N GLY A 133 -6.90 -13.61 13.76
N GLY A 133 -6.72 -13.65 13.90
CA GLY A 133 -6.67 -13.53 15.19
CA GLY A 133 -6.52 -13.42 15.33
C GLY A 133 -6.62 -12.15 15.81
C GLY A 133 -6.66 -11.98 15.82
N ALA A 134 -6.79 -11.07 15.04
N ALA A 134 -6.51 -10.97 14.97
CA ALA A 134 -6.78 -9.74 15.63
CA ALA A 134 -6.53 -9.59 15.49
C ALA A 134 -8.16 -9.39 16.17
C ALA A 134 -7.95 -9.21 15.95
N ASP A 135 -8.20 -8.34 16.99
N ASP A 135 -8.03 -8.34 16.96
CA ASP A 135 -9.45 -7.80 17.52
CA ASP A 135 -9.33 -7.92 17.48
C ASP A 135 -10.15 -7.03 16.40
C ASP A 135 -10.10 -7.16 16.40
N PRO A 136 -11.35 -7.45 15.97
N PRO A 136 -11.33 -7.58 16.06
CA PRO A 136 -12.02 -6.73 14.87
CA PRO A 136 -12.09 -6.89 14.99
C PRO A 136 -12.36 -5.29 15.20
C PRO A 136 -12.38 -5.42 15.27
N ILE A 137 -12.61 -4.96 16.48
N ILE A 137 -12.55 -5.04 16.54
CA ILE A 137 -12.83 -3.56 16.85
CA ILE A 137 -12.82 -3.64 16.87
C ILE A 137 -11.59 -2.73 16.53
C ILE A 137 -11.61 -2.77 16.52
N HIS A 138 -10.41 -3.25 16.85
CA HIS A 138 -9.17 -2.58 16.49
C HIS A 138 -9.01 -2.48 14.98
N SER A 139 -9.31 -3.55 14.26
CA SER A 139 -9.18 -3.51 12.81
C SER A 139 -10.06 -2.43 12.20
N LEU A 140 -11.29 -2.28 12.69
CA LEU A 140 -12.17 -1.23 12.18
C LEU A 140 -11.60 0.15 12.48
N ARG A 141 -11.03 0.34 13.67
CA ARG A 141 -10.44 1.63 14.01
C ARG A 141 -9.30 1.96 13.07
N VAL A 142 -8.40 0.99 12.84
CA VAL A 142 -7.28 1.24 11.92
C VAL A 142 -7.81 1.53 10.52
N CYS A 143 -8.82 0.80 10.07
CA CYS A 143 -9.42 1.06 8.76
C CYS A 143 -9.88 2.51 8.65
N VAL A 144 -10.68 2.96 9.61
CA VAL A 144 -11.23 4.31 9.56
C VAL A 144 -10.13 5.35 9.59
N ASP A 145 -9.06 5.09 10.34
CA ASP A 145 -7.98 6.06 10.51
C ASP A 145 -6.91 5.96 9.42
N THR A 146 -7.03 5.02 8.49
CA THR A 146 -6.02 4.82 7.45
C THR A 146 -6.56 4.95 6.05
N VAL A 147 -7.73 4.37 5.78
CA VAL A 147 -8.29 4.38 4.44
C VAL A 147 -8.99 5.70 4.20
N ARG A 148 -8.65 6.35 3.09
CA ARG A 148 -9.26 7.61 2.68
C ARG A 148 -10.18 7.45 1.48
N THR A 149 -10.07 6.34 0.75
CA THR A 149 -10.96 6.04 -0.34
C THR A 149 -12.23 5.40 0.20
N ASN A 150 -13.17 5.12 -0.68
CA ASN A 150 -14.51 4.71 -0.23
C ASN A 150 -14.53 3.20 -0.05
N VAL A 151 -14.72 2.76 1.19
CA VAL A 151 -14.66 1.35 1.52
C VAL A 151 -15.99 0.90 2.12
N TYR A 152 -16.48 -0.21 1.58
CA TYR A 152 -17.70 -0.88 1.97
C TYR A 152 -17.30 -2.18 2.63
N LEU A 153 -17.46 -2.23 3.96
CA LEU A 153 -17.02 -3.35 4.76
C LEU A 153 -18.17 -4.34 4.96
N ALA A 154 -17.90 -5.61 4.66
CA ALA A 154 -18.84 -6.69 4.87
C ALA A 154 -18.38 -7.50 6.09
N VAL A 155 -19.27 -7.64 7.06
CA VAL A 155 -19.00 -8.39 8.28
C VAL A 155 -19.96 -9.57 8.30
N PHE A 156 -19.41 -10.78 8.20
CA PHE A 156 -20.22 -12.01 8.11
C PHE A 156 -21.06 -12.23 9.36
N ASP A 157 -20.46 -12.08 10.53
CA ASP A 157 -21.11 -12.46 11.79
C ASP A 157 -22.03 -11.33 12.27
N LYS A 158 -23.33 -11.64 12.46
CA LYS A 158 -24.28 -10.60 12.87
C LYS A 158 -23.95 -10.10 14.26
N ASN A 159 -23.62 -11.03 15.15
CA ASN A 159 -23.26 -10.65 16.51
C ASN A 159 -22.08 -9.67 16.51
N LEU A 160 -21.05 -9.95 15.72
CA LEU A 160 -19.89 -9.07 15.67
C LEU A 160 -20.25 -7.74 15.02
N TYR A 161 -21.02 -7.78 13.94
CA TYR A 161 -21.48 -6.54 13.31
C TYR A 161 -22.13 -5.60 14.33
N ASP A 162 -23.07 -6.12 15.12
CA ASP A 162 -23.75 -5.28 16.10
C ASP A 162 -22.77 -4.72 17.13
N LYS A 163 -21.79 -5.54 17.55
CA LYS A 163 -20.78 -5.05 18.50
C LYS A 163 -19.91 -3.96 17.87
N LEU A 164 -19.53 -4.12 16.61
CA LEU A 164 -18.71 -3.11 15.94
C LEU A 164 -19.44 -1.77 15.84
N VAL A 165 -20.70 -1.81 15.45
CA VAL A 165 -21.49 -0.58 15.35
C VAL A 165 -21.66 0.05 16.72
N SER A 166 -22.09 -0.75 17.70
CA SER A 166 -22.45 -0.19 19.01
C SER A 166 -21.24 0.41 19.73
N SER A 167 -20.04 -0.08 19.44
CA SER A 167 -18.82 0.37 20.12
C SER A 167 -18.05 1.40 19.30
N PHE A 168 -18.56 1.80 18.14
CA PHE A 168 -17.80 2.66 17.23
C PHE A 168 -17.78 4.09 17.76
N LEU A 169 -16.59 4.67 17.82
CA LEU A 169 -16.44 6.03 18.32
C LEU A 169 -16.39 6.98 17.13
N SER B 1 30.32 -7.51 3.50
CA SER B 1 29.82 -6.37 2.68
C SER B 1 28.94 -5.39 3.44
N MET B 2 29.08 -4.13 2.99
N MET B 2 28.98 -4.17 2.96
CA MET B 2 28.37 -2.99 3.56
CA MET B 2 28.38 -3.01 3.58
C MET B 2 27.22 -2.59 2.65
C MET B 2 27.23 -2.52 2.70
N VAL B 3 25.99 -2.75 3.14
CA VAL B 3 24.78 -2.22 2.49
C VAL B 3 24.07 -1.35 3.54
N ASN B 4 23.30 -0.37 3.04
CA ASN B 4 22.54 0.52 3.92
C ASN B 4 23.43 1.20 4.96
N SER B 5 24.62 1.66 4.53
CA SER B 5 25.57 2.32 5.44
C SER B 5 25.40 3.84 5.31
N PHE B 6 24.32 4.33 5.90
CA PHE B 6 24.00 5.74 5.87
C PHE B 6 24.83 6.47 6.92
N SER B 7 25.43 7.59 6.54
CA SER B 7 26.20 8.39 7.47
C SER B 7 26.04 9.88 7.22
N GLY B 8 26.12 10.59 8.35
N GLY B 8 26.15 10.67 8.28
CA GLY B 8 26.02 12.03 8.30
CA GLY B 8 26.04 12.13 8.17
C GLY B 8 24.62 12.58 8.20
C GLY B 8 24.61 12.62 8.17
N TYR B 9 23.62 11.77 8.48
CA TYR B 9 22.23 12.21 8.49
C TYR B 9 21.86 12.83 9.83
N LEU B 10 20.98 13.80 9.76
CA LEU B 10 20.37 14.45 10.91
C LEU B 10 19.02 13.79 11.18
N LYS B 11 18.79 13.43 12.43
N LYS B 11 18.79 13.38 12.42
CA LYS B 11 17.56 12.78 12.85
CA LYS B 11 17.56 12.71 12.79
C LYS B 11 16.46 13.81 13.01
C LYS B 11 16.47 13.77 13.02
N LEU B 12 15.36 13.63 12.29
CA LEU B 12 14.18 14.50 12.46
C LEU B 12 13.14 13.86 13.36
N THR B 13 12.86 12.58 13.14
CA THR B 13 11.98 11.79 13.98
C THR B 13 12.64 10.44 14.18
N ASP B 14 11.95 9.56 14.91
CA ASP B 14 12.54 8.25 15.19
C ASP B 14 12.81 7.45 13.91
N ASN B 15 12.14 7.79 12.80
CA ASN B 15 12.32 7.03 11.55
C ASN B 15 12.64 7.88 10.33
N VAL B 16 12.77 9.20 10.45
CA VAL B 16 13.03 10.07 9.31
C VAL B 16 14.33 10.82 9.56
N TYR B 17 15.26 10.71 8.60
CA TYR B 17 16.60 11.28 8.67
C TYR B 17 16.82 12.11 7.42
N ILE B 18 17.70 13.11 7.49
CA ILE B 18 17.90 14.01 6.35
C ILE B 18 19.36 14.42 6.24
N LYS B 19 19.81 14.61 5.00
CA LYS B 19 21.19 14.96 4.70
C LYS B 19 21.24 15.88 3.48
N ASN B 20 22.16 16.82 3.50
CA ASN B 20 22.45 17.64 2.31
C ASN B 20 23.41 16.83 1.46
N ALA B 21 22.89 16.25 0.36
CA ALA B 21 23.65 15.31 -0.44
C ALA B 21 23.01 15.15 -1.81
N ASP B 22 23.84 14.76 -2.76
CA ASP B 22 23.43 14.34 -4.10
C ASP B 22 23.03 12.88 -4.02
N ILE B 23 21.75 12.58 -4.32
CA ILE B 23 21.21 11.24 -4.10
C ILE B 23 21.94 10.18 -4.91
N VAL B 24 22.47 10.52 -6.09
CA VAL B 24 23.24 9.54 -6.87
C VAL B 24 24.54 9.21 -6.14
N GLU B 25 25.26 10.23 -5.70
CA GLU B 25 26.49 10.02 -4.96
C GLU B 25 26.21 9.25 -3.67
N GLU B 26 25.11 9.58 -3.00
CA GLU B 26 24.74 8.87 -1.78
C GLU B 26 24.47 7.40 -2.07
N ALA B 27 23.69 7.13 -3.12
CA ALA B 27 23.37 5.74 -3.46
C ALA B 27 24.64 4.94 -3.70
N LYS B 28 25.59 5.51 -4.43
CA LYS B 28 26.82 4.77 -4.75
C LYS B 28 27.65 4.50 -3.49
N LYS B 29 27.61 5.39 -2.49
CA LYS B 29 28.34 5.23 -1.24
C LYS B 29 27.62 4.30 -0.26
N VAL B 30 26.33 4.54 -0.04
CA VAL B 30 25.52 3.87 1.00
C VAL B 30 25.24 2.44 0.61
N LYS B 31 25.14 2.17 -0.70
N LYS B 31 25.13 2.18 -0.66
CA LYS B 31 24.70 0.89 -1.22
CA LYS B 31 24.76 0.86 -1.13
C LYS B 31 23.36 0.46 -0.62
C LYS B 31 23.39 0.49 -0.55
N PRO B 32 22.31 1.25 -0.82
CA PRO B 32 21.02 0.96 -0.20
C PRO B 32 20.31 -0.22 -0.87
N THR B 33 19.49 -0.92 -0.07
CA THR B 33 18.59 -1.91 -0.65
C THR B 33 17.60 -1.24 -1.60
N VAL B 34 17.12 -0.04 -1.26
CA VAL B 34 16.11 0.64 -2.06
C VAL B 34 16.50 2.10 -2.23
N VAL B 35 16.56 2.56 -3.47
CA VAL B 35 16.56 4.00 -3.77
C VAL B 35 15.23 4.34 -4.41
N VAL B 36 14.62 5.44 -3.96
CA VAL B 36 13.36 5.91 -4.50
C VAL B 36 13.62 6.86 -5.66
N ASN B 37 12.90 6.64 -6.76
CA ASN B 37 12.88 7.59 -7.86
C ASN B 37 11.61 8.43 -7.80
N ALA B 38 11.77 9.72 -8.09
CA ALA B 38 10.67 10.66 -8.28
C ALA B 38 10.15 10.49 -9.71
N ALA B 39 9.31 9.46 -9.89
CA ALA B 39 8.85 9.01 -11.19
C ALA B 39 7.57 9.71 -11.63
N ASN B 40 7.26 9.53 -12.91
CA ASN B 40 5.96 9.87 -13.47
C ASN B 40 5.30 8.59 -13.98
N VAL B 41 4.03 8.70 -14.38
CA VAL B 41 3.23 7.49 -14.60
C VAL B 41 3.75 6.66 -15.78
N TYR B 42 4.42 7.27 -16.76
CA TYR B 42 4.96 6.53 -17.88
C TYR B 42 6.46 6.24 -17.72
N LEU B 43 7.00 6.48 -16.53
CA LEU B 43 8.40 6.17 -16.24
C LEU B 43 9.33 6.75 -17.29
N LYS B 44 9.08 8.01 -17.67
CA LYS B 44 9.93 8.75 -18.59
C LYS B 44 10.85 9.63 -17.73
N HIS B 45 12.12 9.21 -17.65
CA HIS B 45 13.04 9.76 -16.66
C HIS B 45 13.82 10.93 -17.25
N GLY B 46 13.12 12.04 -17.44
CA GLY B 46 13.74 13.16 -18.14
C GLY B 46 14.54 14.13 -17.30
N GLY B 47 13.97 14.57 -16.18
CA GLY B 47 14.46 15.73 -15.47
C GLY B 47 14.62 15.44 -13.99
N GLY B 48 15.20 16.40 -13.28
CA GLY B 48 15.29 16.28 -11.83
C GLY B 48 15.92 14.99 -11.40
N VAL B 49 15.38 14.41 -10.32
CA VAL B 49 15.93 13.19 -9.74
C VAL B 49 15.92 12.06 -10.75
N ALA B 50 14.80 11.88 -11.47
CA ALA B 50 14.71 10.74 -12.37
C ALA B 50 15.75 10.83 -13.48
N GLY B 51 15.94 12.02 -14.04
CA GLY B 51 16.96 12.18 -15.06
C GLY B 51 18.35 11.85 -14.54
N ALA B 52 18.65 12.28 -13.31
CA ALA B 52 19.96 12.01 -12.73
C ALA B 52 20.16 10.52 -12.46
N LEU B 53 19.15 9.85 -11.88
CA LEU B 53 19.29 8.43 -11.62
C LEU B 53 19.46 7.67 -12.93
N ASN B 54 18.64 7.99 -13.94
CA ASN B 54 18.73 7.28 -15.19
C ASN B 54 20.10 7.48 -15.85
N LYS B 55 20.60 8.73 -15.84
CA LYS B 55 21.91 9.00 -16.41
C LYS B 55 23.00 8.18 -15.72
N ALA B 56 22.91 8.04 -14.39
CA ALA B 56 23.92 7.27 -13.67
C ALA B 56 23.92 5.81 -14.10
N THR B 57 22.77 5.30 -14.54
CA THR B 57 22.67 3.93 -15.03
C THR B 57 23.00 3.82 -16.52
N ASN B 58 23.47 4.90 -17.14
CA ASN B 58 23.78 4.88 -18.57
C ASN B 58 22.56 4.46 -19.40
N ASN B 59 21.39 4.94 -18.98
CA ASN B 59 20.09 4.76 -19.66
C ASN B 59 19.53 3.35 -19.46
N ALA B 60 20.18 2.47 -18.70
CA ALA B 60 19.61 1.14 -18.49
C ALA B 60 18.27 1.21 -17.77
N MET B 61 18.12 2.16 -16.85
CA MET B 61 16.85 2.34 -16.16
C MET B 61 15.74 2.68 -17.15
N GLN B 62 16.00 3.55 -18.12
CA GLN B 62 14.96 3.93 -19.08
C GLN B 62 14.57 2.74 -19.95
N VAL B 63 15.55 1.95 -20.41
CA VAL B 63 15.24 0.80 -21.24
C VAL B 63 14.37 -0.18 -20.48
N GLU B 64 14.75 -0.46 -19.23
CA GLU B 64 13.97 -1.37 -18.39
C GLU B 64 12.57 -0.81 -18.14
N SER B 65 12.48 0.50 -17.91
CA SER B 65 11.20 1.14 -17.66
C SER B 65 10.27 1.06 -18.86
N ASP B 66 10.80 1.31 -20.06
CA ASP B 66 9.96 1.24 -21.25
C ASP B 66 9.40 -0.17 -21.45
N ASP B 67 10.21 -1.18 -21.16
CA ASP B 67 9.71 -2.56 -21.24
C ASP B 67 8.62 -2.81 -20.19
N TYR B 68 8.82 -2.31 -18.97
CA TYR B 68 7.80 -2.43 -17.93
C TYR B 68 6.47 -1.83 -18.40
N ILE B 69 6.53 -0.63 -18.99
CA ILE B 69 5.31 0.05 -19.44
C ILE B 69 4.66 -0.73 -20.58
N ALA B 70 5.44 -1.29 -21.50
CA ALA B 70 4.86 -2.06 -22.58
C ALA B 70 4.06 -3.23 -22.03
N THR B 71 4.55 -3.87 -20.97
CA THR B 71 3.91 -5.05 -20.40
C THR B 71 2.74 -4.68 -19.48
N ASN B 72 2.84 -3.59 -18.72
CA ASN B 72 1.96 -3.29 -17.61
C ASN B 72 1.12 -2.03 -17.76
N GLY B 73 1.45 -1.15 -18.69
CA GLY B 73 0.79 0.13 -18.79
C GLY B 73 1.27 1.08 -17.71
N PRO B 74 0.77 2.30 -17.77
CA PRO B 74 1.25 3.34 -16.84
C PRO B 74 0.81 3.09 -15.41
N LEU B 75 1.60 3.65 -14.50
CA LEU B 75 1.26 3.69 -13.08
C LEU B 75 0.12 4.69 -12.86
N LYS B 76 -0.45 4.64 -11.64
CA LYS B 76 -1.36 5.65 -11.11
C LYS B 76 -0.55 6.73 -10.37
N VAL B 77 -1.00 7.98 -10.43
CA VAL B 77 -0.47 8.99 -9.51
C VAL B 77 -0.77 8.52 -8.08
N GLY B 78 0.26 8.51 -7.24
CA GLY B 78 0.19 7.95 -5.91
C GLY B 78 0.67 6.51 -5.82
N GLY B 79 0.92 5.86 -6.96
CA GLY B 79 1.36 4.49 -7.00
C GLY B 79 2.87 4.34 -7.20
N SER B 80 3.29 3.08 -7.32
CA SER B 80 4.71 2.77 -7.44
C SER B 80 4.91 1.43 -8.11
N CYS B 81 6.16 1.19 -8.53
CA CYS B 81 6.59 -0.15 -8.90
C CYS B 81 8.04 -0.32 -8.49
N VAL B 82 8.42 -1.58 -8.27
CA VAL B 82 9.79 -1.95 -7.94
C VAL B 82 10.47 -2.47 -9.20
N LEU B 83 11.60 -1.86 -9.55
CA LEU B 83 12.43 -2.31 -10.66
C LEU B 83 13.86 -2.44 -10.15
N SER B 84 14.78 -2.79 -11.04
CA SER B 84 16.18 -2.93 -10.65
C SER B 84 16.76 -1.60 -10.18
N GLY B 85 17.71 -1.68 -9.25
CA GLY B 85 18.50 -0.53 -8.87
C GLY B 85 19.79 -0.36 -9.63
N HIS B 86 20.12 -1.26 -10.56
CA HIS B 86 21.27 -1.07 -11.47
C HIS B 86 22.53 -0.87 -10.64
N ASN B 87 23.31 0.18 -10.89
CA ASN B 87 24.53 0.48 -10.15
C ASN B 87 24.29 1.38 -8.95
N LEU B 88 23.03 1.57 -8.56
CA LEU B 88 22.66 2.48 -7.49
C LEU B 88 22.18 1.79 -6.22
N ALA B 89 21.54 0.63 -6.35
CA ALA B 89 20.83 0.03 -5.23
C ALA B 89 20.44 -1.37 -5.66
N LYS B 90 20.00 -2.18 -4.70
CA LYS B 90 19.41 -3.46 -5.09
C LYS B 90 18.17 -3.23 -5.95
N HIS B 91 17.29 -2.35 -5.49
CA HIS B 91 16.03 -2.05 -6.14
C HIS B 91 15.85 -0.54 -6.27
N CYS B 92 15.14 -0.13 -7.31
CA CYS B 92 14.61 1.22 -7.40
C CYS B 92 13.10 1.15 -7.23
N LEU B 93 12.59 1.87 -6.24
CA LEU B 93 11.16 2.05 -6.05
C LEU B 93 10.75 3.32 -6.77
N HIS B 94 10.08 3.16 -7.91
CA HIS B 94 9.60 4.29 -8.71
C HIS B 94 8.27 4.73 -8.12
N VAL B 95 8.21 5.91 -7.51
CA VAL B 95 7.01 6.41 -6.83
C VAL B 95 6.53 7.66 -7.54
N VAL B 96 5.24 7.71 -7.86
CA VAL B 96 4.66 8.86 -8.55
C VAL B 96 3.95 9.75 -7.55
N GLY B 97 4.57 10.88 -7.21
CA GLY B 97 3.89 11.91 -6.47
C GLY B 97 3.12 12.80 -7.42
N PRO B 98 2.13 13.53 -6.91
CA PRO B 98 1.42 14.49 -7.77
C PRO B 98 2.35 15.61 -8.23
N ASN B 99 2.19 15.97 -9.49
CA ASN B 99 2.93 17.08 -10.09
C ASN B 99 2.01 18.31 -10.10
N VAL B 100 2.22 19.20 -9.13
CA VAL B 100 1.43 20.43 -9.00
C VAL B 100 1.62 21.33 -10.23
N ASN B 101 2.82 21.28 -10.86
CA ASN B 101 3.05 22.06 -12.08
C ASN B 101 2.20 21.56 -13.24
N LYS B 102 1.60 20.38 -13.10
CA LYS B 102 0.69 19.81 -14.08
C LYS B 102 -0.76 19.79 -13.58
N GLY B 103 -1.03 20.48 -12.46
CA GLY B 103 -2.36 20.59 -11.89
C GLY B 103 -2.85 19.36 -11.16
N GLU B 104 -1.96 18.45 -10.75
CA GLU B 104 -2.40 17.23 -10.08
C GLU B 104 -2.65 17.51 -8.61
N ASP B 105 -3.55 16.73 -8.02
CA ASP B 105 -4.04 17.05 -6.67
C ASP B 105 -2.98 16.73 -5.64
N ILE B 106 -2.48 17.76 -4.95
CA ILE B 106 -1.49 17.62 -3.89
C ILE B 106 -1.96 16.65 -2.82
N GLN B 107 -3.28 16.47 -2.72
N GLN B 107 -3.28 16.45 -2.68
CA GLN B 107 -3.81 15.53 -1.75
CA GLN B 107 -3.79 15.50 -1.69
C GLN B 107 -3.29 14.10 -1.95
C GLN B 107 -3.31 14.07 -1.94
N LEU B 108 -2.86 13.75 -3.16
CA LEU B 108 -2.35 12.41 -3.48
C LEU B 108 -0.95 12.16 -2.95
N LEU B 109 -0.32 13.17 -2.35
CA LEU B 109 1.03 13.01 -1.83
C LEU B 109 1.08 12.00 -0.69
N LYS B 110 0.03 11.96 0.16
CA LYS B 110 0.04 10.99 1.25
C LYS B 110 0.03 9.56 0.70
N SER B 111 -0.83 9.28 -0.29
CA SER B 111 -0.85 7.96 -0.92
C SER B 111 0.52 7.62 -1.50
N ALA B 112 1.18 8.59 -2.13
CA ALA B 112 2.51 8.34 -2.69
C ALA B 112 3.49 7.92 -1.60
N TYR B 113 3.51 8.64 -0.47
CA TYR B 113 4.43 8.27 0.60
C TYR B 113 4.10 6.92 1.24
N GLU B 114 2.83 6.51 1.22
CA GLU B 114 2.48 5.22 1.80
C GLU B 114 3.25 4.08 1.14
N ASN B 115 3.66 4.24 -0.12
CA ASN B 115 4.44 3.20 -0.76
C ASN B 115 5.72 2.91 0.00
N PHE B 116 6.29 3.93 0.67
CA PHE B 116 7.54 3.73 1.38
C PHE B 116 7.40 2.71 2.51
N ASN B 117 6.18 2.56 3.06
CA ASN B 117 5.98 1.66 4.21
C ASN B 117 6.13 0.19 3.84
N GLN B 118 6.21 -0.13 2.55
CA GLN B 118 6.45 -1.50 2.12
C GLN B 118 7.93 -1.89 2.13
N HIS B 119 8.81 -1.00 2.58
CA HIS B 119 10.26 -1.23 2.59
C HIS B 119 10.81 -0.79 3.93
N GLU B 120 11.64 -1.64 4.55
CA GLU B 120 12.08 -1.34 5.91
C GLU B 120 13.02 -0.14 5.97
N VAL B 121 13.81 0.08 4.92
CA VAL B 121 14.75 1.20 4.87
C VAL B 121 14.90 1.65 3.42
N LEU B 122 14.91 2.97 3.20
CA LEU B 122 14.97 3.55 1.87
C LEU B 122 15.85 4.80 1.88
N LEU B 123 16.56 5.02 0.77
CA LEU B 123 17.17 6.29 0.41
C LEU B 123 16.21 6.99 -0.55
N ALA B 124 15.84 8.24 -0.27
CA ALA B 124 14.76 8.85 -1.03
C ALA B 124 14.93 10.35 -1.19
N PRO B 125 14.34 10.91 -2.24
CA PRO B 125 14.11 12.35 -2.34
C PRO B 125 12.77 12.71 -1.71
N LEU B 126 12.55 14.01 -1.50
CA LEU B 126 11.23 14.49 -1.11
C LEU B 126 10.28 14.41 -2.29
N LEU B 127 9.19 13.68 -2.13
CA LEU B 127 8.26 13.49 -3.22
C LEU B 127 7.53 14.79 -3.56
N SER B 128 7.26 14.97 -4.84
CA SER B 128 6.55 16.10 -5.42
C SER B 128 7.31 17.41 -5.27
N ALA B 129 8.55 17.39 -4.77
CA ALA B 129 9.37 18.59 -4.68
C ALA B 129 9.99 18.92 -6.03
N GLY B 130 10.67 20.06 -6.05
CA GLY B 130 11.49 20.43 -7.19
C GLY B 130 10.64 20.64 -8.42
N ILE B 131 10.98 19.93 -9.49
CA ILE B 131 10.29 20.10 -10.76
C ILE B 131 8.83 19.67 -10.69
N PHE B 132 8.42 18.94 -9.64
CA PHE B 132 7.02 18.58 -9.45
C PHE B 132 6.20 19.68 -8.78
N GLY B 133 6.84 20.74 -8.24
CA GLY B 133 6.13 21.97 -7.89
C GLY B 133 5.50 22.06 -6.51
N ALA B 134 5.54 21.02 -5.68
CA ALA B 134 4.97 21.15 -4.35
C ALA B 134 5.94 21.87 -3.42
N ASP B 135 5.38 22.41 -2.34
CA ASP B 135 6.19 23.03 -1.30
C ASP B 135 7.01 21.94 -0.61
N PRO B 136 8.34 21.99 -0.65
CA PRO B 136 9.13 20.93 -0.01
C PRO B 136 8.90 20.86 1.49
N ILE B 137 8.55 21.96 2.14
CA ILE B 137 8.22 21.93 3.56
C ILE B 137 7.01 21.06 3.79
N HIS B 138 6.02 21.19 2.93
CA HIS B 138 4.84 20.33 3.02
C HIS B 138 5.18 18.88 2.72
N SER B 139 6.04 18.64 1.72
CA SER B 139 6.40 17.26 1.42
C SER B 139 7.07 16.59 2.62
N LEU B 140 7.95 17.32 3.31
CA LEU B 140 8.58 16.77 4.50
C LEU B 140 7.55 16.49 5.58
N ARG B 141 6.57 17.40 5.74
CA ARG B 141 5.48 17.19 6.70
C ARG B 141 4.73 15.90 6.41
N VAL B 142 4.33 15.71 5.16
CA VAL B 142 3.58 14.51 4.81
C VAL B 142 4.46 13.28 5.00
N CYS B 143 5.73 13.38 4.64
CA CYS B 143 6.65 12.25 4.85
C CYS B 143 6.66 11.84 6.32
N VAL B 144 6.90 12.80 7.21
CA VAL B 144 7.00 12.46 8.63
C VAL B 144 5.69 11.91 9.17
N ASP B 145 4.57 12.39 8.65
CA ASP B 145 3.26 12.01 9.16
C ASP B 145 2.74 10.74 8.52
N THR B 146 3.44 10.20 7.52
CA THR B 146 2.96 9.04 6.76
C THR B 146 3.90 7.86 6.80
N VAL B 147 5.20 8.10 6.66
CA VAL B 147 6.16 7.01 6.58
C VAL B 147 6.50 6.58 8.01
N ARG B 148 6.47 5.27 8.23
CA ARG B 148 6.83 4.67 9.50
C ARG B 148 8.09 3.83 9.43
N THR B 149 8.51 3.43 8.24
CA THR B 149 9.77 2.73 8.04
C THR B 149 10.90 3.75 7.98
N ASN B 150 12.13 3.28 7.88
CA ASN B 150 13.28 4.16 8.03
C ASN B 150 13.61 4.81 6.69
N VAL B 151 13.45 6.12 6.63
CA VAL B 151 13.66 6.86 5.38
C VAL B 151 14.78 7.87 5.58
N TYR B 152 15.75 7.81 4.67
CA TYR B 152 16.93 8.67 4.63
C TYR B 152 16.76 9.60 3.43
N LEU B 153 16.46 10.87 3.70
CA LEU B 153 16.18 11.85 2.68
C LEU B 153 17.44 12.59 2.26
N ALA B 154 17.66 12.67 0.95
CA ALA B 154 18.77 13.42 0.38
C ALA B 154 18.24 14.70 -0.26
N VAL B 155 18.77 15.83 0.18
CA VAL B 155 18.40 17.13 -0.33
C VAL B 155 19.65 17.76 -0.93
N PHE B 156 19.61 18.02 -2.23
CA PHE B 156 20.80 18.48 -2.96
C PHE B 156 21.26 19.87 -2.57
N ASP B 157 20.34 20.83 -2.52
CA ASP B 157 20.72 22.23 -2.30
C ASP B 157 20.84 22.50 -0.80
N LYS B 158 22.05 22.89 -0.37
CA LYS B 158 22.28 23.26 1.03
C LYS B 158 21.26 24.28 1.54
N ASN B 159 20.90 25.25 0.72
CA ASN B 159 20.00 26.30 1.18
C ASN B 159 18.58 25.75 1.38
N LEU B 160 18.14 24.79 0.57
CA LEU B 160 16.84 24.17 0.82
C LEU B 160 16.92 23.25 2.03
N TYR B 161 18.02 22.51 2.16
CA TYR B 161 18.24 21.69 3.34
C TYR B 161 18.10 22.53 4.61
N ASP B 162 18.77 23.68 4.63
CA ASP B 162 18.71 24.55 5.82
C ASP B 162 17.29 25.03 6.08
N LYS B 163 16.56 25.38 5.02
CA LYS B 163 15.17 25.82 5.20
C LYS B 163 14.31 24.70 5.77
N LEU B 164 14.51 23.47 5.29
CA LEU B 164 13.74 22.33 5.76
C LEU B 164 14.04 22.01 7.23
N VAL B 165 15.32 21.95 7.57
CA VAL B 165 15.71 21.60 8.95
C VAL B 165 15.32 22.71 9.91
N SER B 166 15.60 23.96 9.52
CA SER B 166 15.42 25.08 10.44
C SER B 166 13.94 25.30 10.73
N SER B 167 13.05 24.96 9.80
CA SER B 167 11.61 25.17 9.96
C SER B 167 10.87 23.93 10.46
N PHE B 168 11.54 22.79 10.58
CA PHE B 168 10.84 21.57 10.95
C PHE B 168 10.36 21.63 12.40
N LEU B 169 11.14 22.29 13.25
CA LEU B 169 10.83 22.39 14.67
C LEU B 169 11.35 23.69 15.31
#